data_9FT7
#
_entry.id   9FT7
#
_cell.length_a   1.00
_cell.length_b   1.00
_cell.length_c   1.00
_cell.angle_alpha   90.00
_cell.angle_beta   90.00
_cell.angle_gamma   90.00
#
_symmetry.space_group_name_H-M   'P 1'
#
loop_
_entity.id
_entity.type
_entity.pdbx_description
1 polymer 'Potassium channel subfamily K member 13'
2 non-polymer 'LINOLEIC ACID'
3 non-polymer 'POTASSIUM ION'
#
_entity_poly.entity_id   1
_entity_poly.type   'polypeptide(L)'
_entity_poly.pdbx_seq_one_letter_code
;MGPGHLNEDNARFLLLAALIVLYLLGGAAVFSALELAHERQAKQRWEERLANFSRGHNLSRDELRGFLRHYEEATRAGIR
VDNVRPRWDFTGAFYFVGTVVSTIGFGMTTPATVGGKIFLIFYGLVGCSSTILFFNLFLERLITIIAYIMKSCHQRQLRR
RGALPQESLKDAGQCEVDSLAGWKPSVYYVMLILCTASILISCCASAMYTPIEGWSYFDSLYFCFVAFSTIGFGDLVSSQ
NAHYESQGLYRFANFVFILMGVCCIYSLFNVISILIKQSLNWILRKMDSGAELEVLFQ
;
_entity_poly.pdbx_strand_id   A,B
#
loop_
_chem_comp.id
_chem_comp.type
_chem_comp.name
_chem_comp.formula
EIC non-polymer 'LINOLEIC ACID' 'C18 H32 O2'
K non-polymer 'POTASSIUM ION' 'K 1'
#
# COMPACT_ATOMS: atom_id res chain seq x y z
N ASN A 7 22.96 19.59 -17.22
CA ASN A 7 23.73 18.48 -16.68
C ASN A 7 23.02 17.16 -16.90
N GLU A 8 23.79 16.09 -17.10
CA GLU A 8 23.21 14.82 -17.51
C GLU A 8 22.26 14.26 -16.47
N ASP A 9 22.48 14.57 -15.19
CA ASP A 9 21.57 14.09 -14.15
C ASP A 9 20.20 14.75 -14.24
N ASN A 10 20.15 16.03 -14.62
CA ASN A 10 18.86 16.66 -14.84
C ASN A 10 18.18 16.11 -16.09
N ALA A 11 18.95 15.85 -17.14
CA ALA A 11 18.36 15.28 -18.34
C ALA A 11 17.77 13.91 -18.06
N ARG A 12 18.48 13.09 -17.29
CA ARG A 12 17.94 11.80 -16.87
C ARG A 12 16.69 11.93 -16.03
N PHE A 13 16.67 12.88 -15.10
CA PHE A 13 15.50 13.05 -14.24
C PHE A 13 14.28 13.50 -15.02
N LEU A 14 14.43 14.50 -15.90
CA LEU A 14 13.31 14.94 -16.73
C LEU A 14 12.86 13.88 -17.73
N LEU A 15 13.80 13.15 -18.33
CA LEU A 15 13.42 12.07 -19.23
C LEU A 15 12.64 10.99 -18.52
N LEU A 16 13.06 10.61 -17.31
CA LEU A 16 12.32 9.60 -16.58
C LEU A 16 10.93 10.08 -16.16
N ALA A 17 10.82 11.35 -15.74
CA ALA A 17 9.49 11.89 -15.44
C ALA A 17 8.57 11.85 -16.66
N ALA A 18 9.08 12.24 -17.83
CA ALA A 18 8.27 12.16 -19.05
C ALA A 18 7.86 10.74 -19.40
N LEU A 19 8.79 9.79 -19.28
CA LEU A 19 8.46 8.40 -19.58
C LEU A 19 7.44 7.83 -18.60
N ILE A 20 7.53 8.19 -17.32
CA ILE A 20 6.53 7.73 -16.35
C ILE A 20 5.16 8.33 -16.65
N VAL A 21 5.10 9.62 -16.98
CA VAL A 21 3.80 10.21 -17.31
C VAL A 21 3.17 9.56 -18.53
N LEU A 22 3.97 9.26 -19.56
CA LEU A 22 3.44 8.49 -20.68
C LEU A 22 3.06 7.07 -20.29
N TYR A 23 3.73 6.48 -19.30
CA TYR A 23 3.35 5.16 -18.84
C TYR A 23 2.01 5.17 -18.10
N LEU A 24 1.75 6.22 -17.33
CA LEU A 24 0.45 6.36 -16.68
C LEU A 24 -0.66 6.61 -17.68
N LEU A 25 -0.46 7.50 -18.65
CA LEU A 25 -1.48 7.72 -19.66
C LEU A 25 -1.76 6.46 -20.50
N GLY A 26 -0.72 5.68 -20.80
CA GLY A 26 -0.96 4.43 -21.51
C GLY A 26 -1.67 3.39 -20.67
N GLY A 27 -1.32 3.28 -19.39
CA GLY A 27 -2.01 2.34 -18.53
C GLY A 27 -3.47 2.71 -18.34
N ALA A 28 -3.74 3.99 -18.12
CA ALA A 28 -5.13 4.44 -17.99
C ALA A 28 -5.92 4.14 -19.26
N ALA A 29 -5.31 4.34 -20.42
CA ALA A 29 -6.00 4.00 -21.67
C ALA A 29 -6.24 2.50 -21.82
N VAL A 30 -5.37 1.66 -21.28
CA VAL A 30 -5.58 0.21 -21.37
C VAL A 30 -6.61 -0.29 -20.36
N PHE A 31 -6.45 0.05 -19.08
CA PHE A 31 -7.36 -0.46 -18.06
C PHE A 31 -8.82 -0.04 -18.28
N SER A 32 -9.05 1.20 -18.67
CA SER A 32 -10.42 1.61 -18.97
C SER A 32 -11.01 0.88 -20.17
N ALA A 33 -10.18 0.28 -21.02
CA ALA A 33 -10.69 -0.55 -22.11
C ALA A 33 -10.96 -1.99 -21.71
N LEU A 34 -10.14 -2.56 -20.83
CA LEU A 34 -10.32 -3.95 -20.42
C LEU A 34 -11.62 -4.17 -19.66
N GLU A 35 -11.97 -3.27 -18.73
CA GLU A 35 -13.01 -3.61 -17.76
C GLU A 35 -13.91 -2.47 -17.34
N LEU A 36 -14.08 -1.42 -18.15
CA LEU A 36 -15.25 -0.57 -18.00
C LEU A 36 -16.57 -1.30 -18.29
N ALA A 37 -16.58 -2.25 -19.23
CA ALA A 37 -17.79 -3.03 -19.49
C ALA A 37 -18.22 -3.89 -18.29
N HIS A 38 -17.26 -4.36 -17.50
CA HIS A 38 -17.59 -5.18 -16.33
C HIS A 38 -18.16 -4.34 -15.21
N GLU A 39 -17.58 -3.16 -14.96
CA GLU A 39 -18.17 -2.25 -13.98
C GLU A 39 -19.62 -1.97 -14.30
N ARG A 40 -19.92 -1.56 -15.53
CA ARG A 40 -21.28 -1.18 -15.89
C ARG A 40 -22.23 -2.36 -15.86
N GLN A 41 -21.75 -3.57 -16.15
CA GLN A 41 -22.62 -4.74 -15.97
C GLN A 41 -22.91 -5.00 -14.51
N ALA A 42 -21.90 -4.98 -13.66
CA ALA A 42 -22.13 -5.27 -12.24
C ALA A 42 -23.00 -4.21 -11.59
N LYS A 43 -22.83 -2.94 -11.95
CA LYS A 43 -23.72 -1.90 -11.44
C LYS A 43 -25.15 -2.04 -11.94
N GLN A 44 -25.36 -2.41 -13.20
CA GLN A 44 -26.72 -2.69 -13.65
C GLN A 44 -27.33 -3.86 -12.88
N ARG A 45 -26.57 -4.94 -12.69
CA ARG A 45 -27.09 -6.09 -11.95
C ARG A 45 -27.40 -5.74 -10.50
N TRP A 46 -26.61 -4.87 -9.88
CA TRP A 46 -26.96 -4.36 -8.56
C TRP A 46 -28.26 -3.56 -8.57
N GLU A 47 -28.41 -2.64 -9.52
CA GLU A 47 -29.66 -1.87 -9.56
C GLU A 47 -30.86 -2.78 -9.74
N GLU A 48 -30.71 -3.85 -10.52
CA GLU A 48 -31.79 -4.83 -10.68
C GLU A 48 -32.07 -5.59 -9.38
N ARG A 49 -31.02 -5.99 -8.65
CA ARG A 49 -31.23 -6.66 -7.37
C ARG A 49 -31.90 -5.74 -6.35
N LEU A 50 -31.47 -4.49 -6.27
CA LEU A 50 -32.07 -3.55 -5.34
C LEU A 50 -33.53 -3.28 -5.69
N ALA A 51 -33.85 -3.18 -6.99
CA ALA A 51 -35.24 -3.04 -7.40
C ALA A 51 -36.07 -4.26 -7.02
N ASN A 52 -35.56 -5.46 -7.28
CA ASN A 52 -36.28 -6.67 -6.88
C ASN A 52 -36.52 -6.74 -5.38
N PHE A 53 -35.52 -6.36 -4.58
CA PHE A 53 -35.72 -6.36 -3.13
C PHE A 53 -36.73 -5.31 -2.69
N SER A 54 -36.65 -4.10 -3.25
CA SER A 54 -37.61 -3.05 -2.94
C SER A 54 -39.04 -3.49 -3.25
N ARG A 55 -39.26 -4.04 -4.44
CA ARG A 55 -40.60 -4.49 -4.83
C ARG A 55 -41.07 -5.68 -4.00
N GLY A 56 -40.19 -6.64 -3.72
CA GLY A 56 -40.62 -7.85 -3.07
C GLY A 56 -41.06 -7.67 -1.63
N HIS A 57 -40.42 -6.77 -0.89
CA HIS A 57 -40.71 -6.60 0.53
C HIS A 57 -41.43 -5.31 0.86
N ASN A 58 -41.95 -4.60 -0.14
CA ASN A 58 -42.63 -3.31 0.06
C ASN A 58 -41.75 -2.34 0.85
N LEU A 59 -40.49 -2.24 0.44
CA LEU A 59 -39.52 -1.35 1.07
C LEU A 59 -39.16 -0.23 0.10
N SER A 60 -39.20 1.01 0.60
CA SER A 60 -38.76 2.15 -0.19
C SER A 60 -37.25 2.22 -0.24
N ARG A 61 -36.74 2.80 -1.34
CA ARG A 61 -35.31 3.06 -1.47
C ARG A 61 -34.77 3.99 -0.40
N ASP A 62 -35.61 4.78 0.25
CA ASP A 62 -35.17 5.58 1.39
C ASP A 62 -34.76 4.71 2.57
N GLU A 63 -35.64 3.80 3.00
CA GLU A 63 -35.31 2.91 4.10
C GLU A 63 -34.11 2.03 3.76
N LEU A 64 -34.06 1.51 2.54
CA LEU A 64 -32.93 0.68 2.13
C LEU A 64 -31.63 1.47 2.09
N ARG A 65 -31.66 2.71 1.58
CA ARG A 65 -30.46 3.54 1.62
C ARG A 65 -30.01 3.82 3.05
N GLY A 66 -30.96 4.03 3.97
CA GLY A 66 -30.58 4.17 5.38
C GLY A 66 -29.92 2.92 5.94
N PHE A 67 -30.52 1.76 5.69
CA PHE A 67 -29.97 0.50 6.18
C PHE A 67 -28.58 0.25 5.58
N LEU A 68 -28.42 0.47 4.29
CA LEU A 68 -27.12 0.29 3.67
C LEU A 68 -26.09 1.31 4.17
N ARG A 69 -26.53 2.53 4.53
CA ARG A 69 -25.59 3.46 5.16
C ARG A 69 -25.11 2.95 6.50
N HIS A 70 -26.01 2.31 7.26
CA HIS A 70 -25.57 1.67 8.49
C HIS A 70 -24.64 0.49 8.23
N TYR A 71 -24.86 -0.25 7.15
CA TYR A 71 -23.95 -1.34 6.82
C TYR A 71 -22.60 -0.84 6.33
N GLU A 72 -22.56 0.30 5.65
CA GLU A 72 -21.28 0.92 5.30
C GLU A 72 -20.52 1.36 6.55
N GLU A 73 -21.25 1.83 7.55
CA GLU A 73 -20.60 2.13 8.83
C GLU A 73 -20.10 0.87 9.53
N ALA A 74 -20.92 -0.18 9.55
CA ALA A 74 -20.54 -1.43 10.22
C ALA A 74 -19.37 -2.14 9.54
N THR A 75 -19.31 -2.12 8.21
CA THR A 75 -18.19 -2.76 7.50
C THR A 75 -16.86 -2.06 7.73
N ARG A 76 -16.87 -0.74 7.92
CA ARG A 76 -15.63 -0.08 8.30
C ARG A 76 -15.18 -0.48 9.70
N ALA A 77 -16.11 -0.78 10.60
CA ALA A 77 -15.75 -1.39 11.88
C ALA A 77 -15.38 -2.86 11.76
N GLY A 78 -15.43 -3.45 10.58
CA GLY A 78 -14.94 -4.81 10.39
C GLY A 78 -15.98 -5.91 10.41
N ILE A 79 -17.27 -5.58 10.34
CA ILE A 79 -18.29 -6.61 10.11
C ILE A 79 -18.17 -7.13 8.69
N ARG A 80 -18.55 -8.39 8.50
CA ARG A 80 -18.77 -8.97 7.18
C ARG A 80 -19.91 -9.97 7.30
N VAL A 81 -20.53 -10.30 6.18
CA VAL A 81 -21.54 -11.34 6.18
C VAL A 81 -20.90 -12.71 6.46
N ASP A 82 -19.70 -12.93 5.96
CA ASP A 82 -18.93 -14.11 6.35
C ASP A 82 -18.43 -13.96 7.78
N ASN A 83 -18.17 -15.09 8.42
CA ASN A 83 -17.61 -15.12 9.76
C ASN A 83 -16.15 -14.67 9.70
N VAL A 84 -15.85 -13.49 10.23
CA VAL A 84 -14.53 -12.89 10.13
C VAL A 84 -13.93 -12.73 11.52
N ARG A 85 -12.62 -12.91 11.61
CA ARG A 85 -11.89 -12.83 12.88
C ARG A 85 -12.01 -11.43 13.48
N PRO A 86 -12.06 -11.31 14.80
CA PRO A 86 -12.01 -9.98 15.43
C PRO A 86 -10.81 -9.18 14.95
N ARG A 87 -11.01 -7.88 14.77
CA ARG A 87 -9.98 -7.05 14.17
C ARG A 87 -8.89 -6.65 15.16
N TRP A 88 -9.23 -6.43 16.42
CA TRP A 88 -8.29 -5.86 17.37
C TRP A 88 -8.00 -6.76 18.57
N ASP A 89 -8.21 -8.07 18.45
CA ASP A 89 -7.49 -8.95 19.34
C ASP A 89 -5.99 -8.87 19.04
N PHE A 90 -5.17 -9.47 19.91
CA PHE A 90 -3.72 -9.33 19.76
C PHE A 90 -3.24 -9.89 18.42
N THR A 91 -3.86 -10.97 17.94
CA THR A 91 -3.49 -11.52 16.64
C THR A 91 -3.89 -10.59 15.50
N GLY A 92 -5.10 -10.03 15.55
CA GLY A 92 -5.51 -9.07 14.55
C GLY A 92 -4.69 -7.80 14.57
N ALA A 93 -4.31 -7.32 15.76
CA ALA A 93 -3.45 -6.15 15.84
C ALA A 93 -2.04 -6.46 15.34
N PHE A 94 -1.54 -7.67 15.57
CA PHE A 94 -0.25 -8.05 15.02
C PHE A 94 -0.28 -8.12 13.50
N TYR A 95 -1.39 -8.60 12.93
CA TYR A 95 -1.54 -8.56 11.48
C TYR A 95 -1.60 -7.12 10.99
N PHE A 96 -2.37 -6.27 11.66
CA PHE A 96 -2.43 -4.86 11.28
C PHE A 96 -1.06 -4.21 11.27
N VAL A 97 -0.32 -4.31 12.37
CA VAL A 97 1.01 -3.69 12.40
C VAL A 97 1.95 -4.31 11.38
N GLY A 98 1.80 -5.61 11.09
CA GLY A 98 2.54 -6.19 9.99
C GLY A 98 2.26 -5.54 8.65
N THR A 99 0.99 -5.21 8.39
CA THR A 99 0.65 -4.53 7.15
C THR A 99 1.02 -3.05 7.15
N VAL A 100 1.06 -2.40 8.30
CA VAL A 100 1.55 -1.03 8.38
C VAL A 100 3.06 -0.97 8.14
N VAL A 101 3.82 -1.76 8.88
CA VAL A 101 5.28 -1.66 8.89
C VAL A 101 5.89 -2.09 7.56
N SER A 102 5.28 -3.05 6.87
CA SER A 102 5.71 -3.38 5.52
C SER A 102 5.13 -2.45 4.45
N THR A 103 4.32 -1.47 4.84
CA THR A 103 3.54 -0.59 3.97
C THR A 103 2.57 -1.32 3.05
N ILE A 104 2.29 -2.59 3.28
CA ILE A 104 1.27 -3.26 2.44
C ILE A 104 -0.07 -2.58 2.63
N GLY A 105 -0.51 -2.40 3.86
CA GLY A 105 -1.71 -1.67 4.14
C GLY A 105 -2.99 -2.18 3.49
N PHE A 106 -3.31 -3.46 3.70
CA PHE A 106 -4.54 -4.01 3.11
C PHE A 106 -5.75 -3.18 3.51
N GLY A 107 -5.77 -2.68 4.73
CA GLY A 107 -6.82 -1.79 5.16
C GLY A 107 -8.12 -2.49 5.48
N MET A 108 -8.08 -3.80 5.73
CA MET A 108 -9.22 -4.50 6.29
C MET A 108 -9.41 -4.12 7.76
N THR A 109 -8.30 -3.96 8.48
CA THR A 109 -8.27 -3.36 9.81
C THR A 109 -7.66 -1.98 9.71
N THR A 110 -8.33 -0.98 10.26
CA THR A 110 -7.84 0.39 10.27
C THR A 110 -8.16 1.05 11.59
N PRO A 111 -7.28 1.92 12.09
CA PRO A 111 -7.54 2.59 13.37
C PRO A 111 -8.71 3.55 13.26
N ALA A 112 -9.45 3.69 14.36
CA ALA A 112 -10.69 4.45 14.33
C ALA A 112 -10.76 5.51 15.41
N THR A 113 -10.12 5.28 16.55
CA THR A 113 -10.00 6.31 17.57
C THR A 113 -8.96 7.34 17.16
N VAL A 114 -9.12 8.57 17.68
CA VAL A 114 -8.11 9.60 17.47
C VAL A 114 -6.77 9.23 18.09
N GLY A 115 -6.78 8.51 19.22
CA GLY A 115 -5.53 8.03 19.77
C GLY A 115 -4.82 7.03 18.86
N GLY A 116 -5.58 6.15 18.23
CA GLY A 116 -4.99 5.25 17.26
C GLY A 116 -4.46 5.97 16.03
N LYS A 117 -5.21 6.95 15.52
CA LYS A 117 -4.74 7.73 14.39
C LYS A 117 -3.47 8.51 14.70
N ILE A 118 -3.38 9.12 15.88
CA ILE A 118 -2.14 9.80 16.27
C ILE A 118 -1.00 8.80 16.38
N PHE A 119 -1.20 7.70 17.10
CA PHE A 119 -0.13 6.75 17.32
C PHE A 119 0.38 6.13 16.02
N LEU A 120 -0.52 5.93 15.06
CA LEU A 120 -0.09 5.43 13.75
C LEU A 120 0.93 6.34 13.08
N ILE A 121 0.77 7.67 13.20
CA ILE A 121 1.66 8.57 12.47
C ILE A 121 3.10 8.48 12.96
N PHE A 122 3.32 8.15 14.23
CA PHE A 122 4.68 7.93 14.73
C PHE A 122 5.13 6.49 14.59
N TYR A 123 4.25 5.52 14.82
CA TYR A 123 4.62 4.13 14.71
C TYR A 123 4.97 3.76 13.28
N GLY A 124 4.16 4.18 12.31
CA GLY A 124 4.48 3.91 10.93
C GLY A 124 5.71 4.65 10.46
N LEU A 125 5.93 5.85 11.01
CA LEU A 125 7.10 6.65 10.64
C LEU A 125 8.40 5.97 11.02
N VAL A 126 8.49 5.45 12.24
CA VAL A 126 9.72 4.75 12.61
C VAL A 126 9.76 3.31 12.05
N GLY A 127 8.62 2.63 12.02
CA GLY A 127 8.58 1.27 11.50
C GLY A 127 8.92 1.14 10.03
N CYS A 128 8.36 2.00 9.19
CA CYS A 128 8.64 1.94 7.77
C CYS A 128 10.10 2.25 7.45
N SER A 129 10.68 3.24 8.13
CA SER A 129 12.11 3.49 7.96
C SER A 129 12.96 2.30 8.40
N SER A 130 12.64 1.72 9.55
CA SER A 130 13.35 0.52 10.02
C SER A 130 13.24 -0.63 9.03
N THR A 131 12.08 -0.79 8.40
CA THR A 131 11.90 -1.86 7.43
C THR A 131 12.58 -1.58 6.09
N ILE A 132 12.58 -0.34 5.60
CA ILE A 132 13.33 -0.08 4.37
C ILE A 132 14.82 -0.29 4.61
N LEU A 133 15.29 -0.02 5.82
CA LEU A 133 16.62 -0.46 6.22
C LEU A 133 16.74 -1.98 6.14
N PHE A 134 15.79 -2.69 6.73
CA PHE A 134 15.85 -4.15 6.73
C PHE A 134 15.92 -4.73 5.33
N PHE A 135 15.10 -4.23 4.40
CA PHE A 135 15.18 -4.72 3.02
C PHE A 135 16.47 -4.33 2.31
N ASN A 136 17.12 -3.23 2.72
CA ASN A 136 18.42 -2.96 2.10
C ASN A 136 19.54 -3.82 2.67
N LEU A 137 19.48 -4.15 3.95
CA LEU A 137 20.42 -5.12 4.50
C LEU A 137 20.17 -6.52 3.94
N PHE A 138 18.90 -6.91 3.80
CA PHE A 138 18.58 -8.16 3.16
C PHE A 138 19.17 -8.25 1.76
N LEU A 139 18.94 -7.23 0.94
CA LEU A 139 19.48 -7.24 -0.42
C LEU A 139 21.00 -7.33 -0.43
N GLU A 140 21.69 -6.57 0.42
CA GLU A 140 23.15 -6.68 0.48
C GLU A 140 23.61 -8.07 0.89
N ARG A 141 22.90 -8.72 1.81
CA ARG A 141 23.21 -10.10 2.17
C ARG A 141 22.95 -11.07 1.03
N LEU A 142 21.85 -10.90 0.32
CA LEU A 142 21.53 -11.79 -0.79
C LEU A 142 22.55 -11.67 -1.91
N ILE A 143 22.96 -10.44 -2.24
CA ILE A 143 24.03 -10.26 -3.21
C ILE A 143 25.32 -10.92 -2.75
N THR A 144 25.65 -10.81 -1.46
CA THR A 144 26.86 -11.47 -0.96
C THR A 144 26.77 -12.98 -1.05
N ILE A 145 25.61 -13.56 -0.75
CA ILE A 145 25.42 -14.99 -0.87
C ILE A 145 25.51 -15.46 -2.31
N ILE A 146 24.89 -14.74 -3.25
CA ILE A 146 25.00 -15.10 -4.66
C ILE A 146 26.43 -15.00 -5.15
N ALA A 147 27.16 -13.97 -4.72
CA ALA A 147 28.58 -13.86 -5.08
C ALA A 147 29.40 -15.03 -4.54
N TYR A 148 29.17 -15.40 -3.28
CA TYR A 148 29.87 -16.55 -2.70
C TYR A 148 29.56 -17.85 -3.45
N ILE A 149 28.28 -18.09 -3.73
CA ILE A 149 27.90 -19.30 -4.46
C ILE A 149 28.51 -19.32 -5.86
N MET A 150 28.46 -18.20 -6.57
CA MET A 150 29.06 -18.13 -7.90
C MET A 150 30.57 -18.35 -7.86
N LYS A 151 31.25 -17.81 -6.85
CA LYS A 151 32.68 -18.09 -6.68
C LYS A 151 32.95 -19.56 -6.35
N SER A 152 32.10 -20.17 -5.53
CA SER A 152 32.25 -21.60 -5.26
C SER A 152 32.02 -22.45 -6.51
N CYS A 153 31.08 -22.05 -7.36
CA CYS A 153 30.91 -22.71 -8.65
C CYS A 153 32.10 -22.50 -9.57
N HIS A 154 32.67 -21.29 -9.58
CA HIS A 154 33.88 -21.05 -10.35
C HIS A 154 35.03 -21.93 -9.87
N GLN A 155 35.13 -22.13 -8.55
CA GLN A 155 36.10 -23.07 -8.02
C GLN A 155 35.69 -24.52 -8.31
N ARG A 156 34.39 -24.81 -8.21
CA ARG A 156 33.90 -26.15 -8.54
C ARG A 156 34.10 -26.49 -10.01
N GLN A 157 34.26 -25.50 -10.88
CA GLN A 157 34.59 -25.76 -12.28
C GLN A 157 36.01 -26.24 -12.47
N LEU A 158 36.87 -26.17 -11.45
CA LEU A 158 38.26 -26.60 -11.58
C LEU A 158 38.34 -28.11 -11.83
N TRP A 183 34.71 -11.70 -8.21
CA TRP A 183 33.97 -10.47 -8.42
C TRP A 183 32.49 -10.67 -8.12
N LYS A 184 31.78 -9.56 -7.93
CA LYS A 184 30.35 -9.61 -7.67
C LYS A 184 29.60 -10.05 -8.93
N PRO A 185 28.38 -10.56 -8.78
CA PRO A 185 27.60 -10.97 -9.95
C PRO A 185 27.12 -9.76 -10.74
N SER A 186 26.95 -9.97 -12.04
CA SER A 186 26.34 -8.95 -12.88
C SER A 186 24.85 -8.86 -12.64
N VAL A 187 24.30 -7.65 -12.82
CA VAL A 187 22.94 -7.34 -12.40
C VAL A 187 21.91 -8.18 -13.15
N TYR A 188 22.17 -8.51 -14.41
CA TYR A 188 21.23 -9.33 -15.18
C TYR A 188 21.03 -10.71 -14.58
N TYR A 189 22.13 -11.37 -14.17
CA TYR A 189 21.97 -12.67 -13.54
C TYR A 189 21.34 -12.59 -12.16
N VAL A 190 21.57 -11.50 -11.42
CA VAL A 190 20.84 -11.31 -10.18
C VAL A 190 19.36 -11.15 -10.44
N MET A 191 19.00 -10.42 -11.49
CA MET A 191 17.59 -10.29 -11.84
C MET A 191 16.97 -11.63 -12.20
N LEU A 192 17.69 -12.45 -12.97
CA LEU A 192 17.17 -13.77 -13.31
C LEU A 192 17.06 -14.70 -12.12
N ILE A 193 17.95 -14.57 -11.13
CA ILE A 193 17.80 -15.32 -9.88
C ILE A 193 16.58 -14.86 -9.10
N LEU A 194 16.43 -13.54 -8.91
CA LEU A 194 15.30 -13.01 -8.15
C LEU A 194 13.95 -13.26 -8.82
N CYS A 195 13.89 -13.28 -10.15
CA CYS A 195 12.66 -13.72 -10.82
C CYS A 195 12.32 -15.16 -10.45
N THR A 196 13.31 -16.05 -10.47
CA THR A 196 13.06 -17.45 -10.12
C THR A 196 12.60 -17.61 -8.68
N ALA A 197 13.27 -16.93 -7.75
CA ALA A 197 12.84 -16.97 -6.35
C ALA A 197 11.41 -16.45 -6.18
N SER A 198 11.07 -15.34 -6.84
CA SER A 198 9.73 -14.78 -6.72
C SER A 198 8.66 -15.71 -7.26
N ILE A 199 8.94 -16.38 -8.38
CA ILE A 199 7.99 -17.35 -8.93
C ILE A 199 7.85 -18.57 -8.01
N LEU A 200 8.96 -19.10 -7.51
CA LEU A 200 8.88 -20.28 -6.64
C LEU A 200 8.15 -20.00 -5.33
N ILE A 201 8.39 -18.84 -4.71
CA ILE A 201 7.64 -18.48 -3.52
C ILE A 201 6.16 -18.28 -3.85
N SER A 202 5.88 -17.56 -4.92
CA SER A 202 4.50 -17.28 -5.31
C SER A 202 3.71 -18.56 -5.62
N CYS A 203 4.33 -19.54 -6.28
CA CYS A 203 3.65 -20.80 -6.52
C CYS A 203 3.44 -21.63 -5.26
N CYS A 204 4.40 -21.64 -4.33
CA CYS A 204 4.19 -22.32 -3.06
C CYS A 204 3.10 -21.64 -2.23
N ALA A 205 3.13 -20.32 -2.15
CA ALA A 205 2.06 -19.61 -1.44
C ALA A 205 0.71 -19.87 -2.08
N SER A 206 0.62 -19.81 -3.41
CA SER A 206 -0.64 -20.13 -4.07
C SER A 206 -1.10 -21.56 -3.77
N ALA A 207 -0.16 -22.51 -3.73
CA ALA A 207 -0.51 -23.88 -3.38
C ALA A 207 -0.94 -24.03 -1.93
N MET A 208 -0.62 -23.06 -1.09
CA MET A 208 -1.17 -23.09 0.27
C MET A 208 -2.52 -22.41 0.38
N TYR A 209 -2.65 -21.20 -0.17
CA TYR A 209 -3.91 -20.45 -0.07
C TYR A 209 -5.05 -21.10 -0.86
N THR A 210 -4.77 -21.75 -1.99
CA THR A 210 -5.84 -22.36 -2.77
C THR A 210 -6.71 -23.35 -2.00
N PRO A 211 -6.17 -24.38 -1.34
CA PRO A 211 -7.06 -25.28 -0.59
C PRO A 211 -7.63 -24.68 0.68
N ILE A 212 -6.92 -23.78 1.36
CA ILE A 212 -7.33 -23.32 2.67
C ILE A 212 -8.34 -22.18 2.58
N GLU A 213 -8.08 -21.19 1.73
CA GLU A 213 -8.97 -20.04 1.60
C GLU A 213 -10.10 -20.26 0.60
N GLY A 214 -10.00 -21.28 -0.24
CA GLY A 214 -11.01 -21.51 -1.26
C GLY A 214 -10.94 -20.60 -2.45
N TRP A 215 -9.91 -19.77 -2.55
CA TRP A 215 -9.68 -18.97 -3.75
C TRP A 215 -9.37 -19.88 -4.94
N SER A 216 -9.60 -19.34 -6.13
CA SER A 216 -9.05 -19.97 -7.31
C SER A 216 -7.53 -19.78 -7.31
N TYR A 217 -6.84 -20.65 -8.05
CA TYR A 217 -5.38 -20.57 -8.07
C TYR A 217 -4.89 -19.24 -8.63
N PHE A 218 -5.51 -18.76 -9.69
CA PHE A 218 -5.11 -17.48 -10.26
C PHE A 218 -5.42 -16.30 -9.34
N ASP A 219 -6.53 -16.33 -8.62
CA ASP A 219 -6.78 -15.30 -7.62
C ASP A 219 -5.72 -15.32 -6.52
N SER A 220 -5.24 -16.51 -6.14
CA SER A 220 -4.18 -16.56 -5.14
C SER A 220 -2.83 -16.10 -5.67
N LEU A 221 -2.51 -16.34 -6.95
CA LEU A 221 -1.32 -15.73 -7.55
C LEU A 221 -1.43 -14.20 -7.61
N TYR A 222 -2.59 -13.69 -7.99
CA TYR A 222 -2.79 -12.24 -8.00
C TYR A 222 -2.69 -11.65 -6.61
N PHE A 223 -3.27 -12.29 -5.60
CA PHE A 223 -3.04 -11.88 -4.22
C PHE A 223 -1.58 -11.90 -3.83
N CYS A 224 -0.85 -12.94 -4.23
CA CYS A 224 0.58 -13.00 -3.91
C CYS A 224 1.32 -11.81 -4.50
N PHE A 225 1.08 -11.49 -5.76
CA PHE A 225 1.75 -10.31 -6.32
C PHE A 225 1.33 -9.03 -5.61
N VAL A 226 0.03 -8.84 -5.39
CA VAL A 226 -0.47 -7.61 -4.77
C VAL A 226 0.06 -7.43 -3.35
N ALA A 227 0.25 -8.51 -2.61
CA ALA A 227 0.88 -8.42 -1.29
C ALA A 227 2.38 -8.21 -1.38
N PHE A 228 3.07 -9.02 -2.17
CA PHE A 228 4.54 -8.96 -2.20
C PHE A 228 5.06 -7.66 -2.80
N SER A 229 4.35 -7.07 -3.75
CA SER A 229 4.75 -5.75 -4.25
C SER A 229 4.47 -4.63 -3.27
N THR A 230 3.84 -4.92 -2.13
CA THR A 230 3.34 -3.96 -1.16
C THR A 230 2.27 -3.04 -1.71
N ILE A 231 1.69 -3.32 -2.88
CA ILE A 231 0.55 -2.54 -3.33
C ILE A 231 -0.62 -2.73 -2.38
N GLY A 232 -1.06 -3.97 -2.19
CA GLY A 232 -2.03 -4.29 -1.16
C GLY A 232 -3.37 -3.61 -1.26
N PHE A 233 -4.16 -3.90 -2.30
CA PHE A 233 -5.47 -3.29 -2.39
C PHE A 233 -6.36 -3.70 -1.23
N GLY A 234 -6.33 -4.97 -0.86
CA GLY A 234 -7.19 -5.47 0.19
C GLY A 234 -8.53 -5.98 -0.28
N ASP A 235 -8.69 -6.23 -1.58
CA ASP A 235 -9.85 -6.97 -2.06
C ASP A 235 -9.79 -8.44 -1.63
N LEU A 236 -8.62 -9.05 -1.76
CA LEU A 236 -8.33 -10.34 -1.16
C LEU A 236 -7.37 -10.15 0.00
N VAL A 237 -7.68 -10.77 1.14
CA VAL A 237 -6.76 -10.83 2.27
C VAL A 237 -6.78 -12.24 2.84
N SER A 238 -5.59 -12.82 3.01
CA SER A 238 -5.45 -14.14 3.61
C SER A 238 -5.56 -14.06 5.13
N SER A 239 -5.87 -15.21 5.74
CA SER A 239 -5.91 -15.37 7.19
C SER A 239 -6.93 -14.43 7.81
N GLN A 240 -8.19 -14.69 7.51
CA GLN A 240 -9.29 -13.83 7.91
C GLN A 240 -10.51 -14.57 8.44
N ASN A 241 -10.79 -15.78 7.97
CA ASN A 241 -11.94 -16.51 8.46
C ASN A 241 -11.83 -16.75 9.96
N ALA A 242 -12.98 -16.89 10.61
CA ALA A 242 -13.01 -17.09 12.06
C ALA A 242 -12.33 -18.38 12.50
N HIS A 243 -12.22 -19.38 11.64
CA HIS A 243 -11.57 -20.61 12.06
C HIS A 243 -10.86 -21.29 10.90
N TYR A 244 -9.73 -21.92 11.22
CA TYR A 244 -9.00 -22.78 10.29
C TYR A 244 -8.51 -23.99 11.05
N GLU A 245 -8.22 -25.06 10.31
CA GLU A 245 -7.45 -26.16 10.86
C GLU A 245 -6.02 -25.71 11.12
N SER A 246 -5.49 -26.04 12.31
CA SER A 246 -4.12 -25.72 12.70
C SER A 246 -3.81 -24.23 12.57
N GLN A 247 -4.66 -23.41 13.21
CA GLN A 247 -4.59 -21.95 13.04
C GLN A 247 -3.18 -21.42 13.23
N GLY A 248 -2.50 -21.88 14.29
CA GLY A 248 -1.16 -21.36 14.57
C GLY A 248 -0.15 -21.63 13.48
N LEU A 249 -0.13 -22.86 12.96
CA LEU A 249 0.74 -23.19 11.85
C LEU A 249 0.40 -22.39 10.61
N TYR A 250 -0.88 -22.22 10.32
CA TYR A 250 -1.26 -21.45 9.14
C TYR A 250 -0.87 -19.98 9.26
N ARG A 251 -1.12 -19.37 10.41
CA ARG A 251 -0.68 -17.99 10.62
C ARG A 251 0.84 -17.84 10.52
N PHE A 252 1.59 -18.78 11.10
CA PHE A 252 3.04 -18.72 10.97
C PHE A 252 3.50 -18.85 9.52
N ALA A 253 2.93 -19.80 8.79
CA ALA A 253 3.27 -19.95 7.38
C ALA A 253 2.89 -18.73 6.56
N ASN A 254 1.75 -18.10 6.86
CA ASN A 254 1.38 -16.87 6.18
C ASN A 254 2.35 -15.73 6.46
N PHE A 255 2.79 -15.59 7.71
CA PHE A 255 3.79 -14.59 8.05
C PHE A 255 5.09 -14.83 7.30
N VAL A 256 5.59 -16.06 7.33
CA VAL A 256 6.84 -16.40 6.65
C VAL A 256 6.74 -16.17 5.14
N PHE A 257 5.66 -16.61 4.51
CA PHE A 257 5.52 -16.43 3.07
C PHE A 257 5.39 -14.98 2.67
N ILE A 258 4.62 -14.17 3.42
CA ILE A 258 4.52 -12.76 3.07
C ILE A 258 5.86 -12.05 3.26
N LEU A 259 6.58 -12.39 4.33
CA LEU A 259 7.90 -11.77 4.53
C LEU A 259 8.87 -12.13 3.41
N MET A 260 8.99 -13.41 3.08
CA MET A 260 9.91 -13.82 2.02
C MET A 260 9.51 -13.20 0.68
N GLY A 261 8.21 -13.17 0.39
CA GLY A 261 7.76 -12.58 -0.85
C GLY A 261 8.06 -11.10 -0.96
N VAL A 262 7.76 -10.34 0.09
CA VAL A 262 8.04 -8.92 0.07
C VAL A 262 9.53 -8.65 -0.12
N CYS A 263 10.38 -9.37 0.61
CA CYS A 263 11.82 -9.14 0.45
C CYS A 263 12.33 -9.51 -0.94
N CYS A 264 11.81 -10.58 -1.53
CA CYS A 264 12.25 -10.96 -2.88
C CYS A 264 11.74 -10.01 -3.96
N ILE A 265 10.46 -9.65 -3.93
CA ILE A 265 9.96 -8.77 -4.98
C ILE A 265 10.46 -7.34 -4.81
N TYR A 266 10.62 -6.85 -3.58
CA TYR A 266 11.26 -5.55 -3.42
C TYR A 266 12.71 -5.55 -3.91
N SER A 267 13.44 -6.66 -3.70
CA SER A 267 14.75 -6.78 -4.32
C SER A 267 14.68 -6.76 -5.84
N LEU A 268 13.69 -7.45 -6.41
CA LEU A 268 13.50 -7.43 -7.85
C LEU A 268 13.20 -6.02 -8.37
N PHE A 269 12.41 -5.26 -7.62
CA PHE A 269 12.14 -3.87 -8.00
C PHE A 269 13.41 -3.02 -8.00
N ASN A 270 14.24 -3.16 -6.98
CA ASN A 270 15.51 -2.45 -6.98
C ASN A 270 16.39 -2.83 -8.18
N VAL A 271 16.53 -4.13 -8.45
CA VAL A 271 17.39 -4.58 -9.54
C VAL A 271 16.88 -4.09 -10.90
N ILE A 272 15.56 -4.19 -11.14
CA ILE A 272 15.01 -3.65 -12.37
C ILE A 272 15.20 -2.13 -12.44
N SER A 273 15.09 -1.44 -11.30
CA SER A 273 15.31 0.00 -11.33
C SER A 273 16.73 0.35 -11.75
N ILE A 274 17.69 -0.50 -11.40
CA ILE A 274 19.06 -0.27 -11.86
C ILE A 274 19.18 -0.51 -13.36
N LEU A 275 18.53 -1.56 -13.86
CA LEU A 275 18.56 -1.78 -15.31
C LEU A 275 17.85 -0.67 -16.09
N ILE A 276 16.80 -0.09 -15.54
CA ILE A 276 16.17 1.08 -16.14
C ILE A 276 17.13 2.27 -16.15
N LYS A 277 17.80 2.53 -15.02
CA LYS A 277 18.76 3.64 -15.00
C LYS A 277 19.84 3.48 -16.06
N GLN A 278 20.37 2.27 -16.23
CA GLN A 278 21.33 2.04 -17.30
C GLN A 278 20.73 2.23 -18.69
N SER A 279 19.46 1.86 -18.87
CA SER A 279 18.80 2.10 -20.15
C SER A 279 18.60 3.59 -20.44
N LEU A 280 18.26 4.37 -19.42
CA LEU A 280 18.17 5.82 -19.60
C LEU A 280 19.52 6.42 -19.95
N ASN A 281 20.59 6.00 -19.27
CA ASN A 281 21.91 6.48 -19.63
C ASN A 281 22.28 6.13 -21.06
N TRP A 282 21.87 4.95 -21.53
CA TRP A 282 22.11 4.60 -22.93
C TRP A 282 21.29 5.47 -23.89
N ILE A 283 20.02 5.72 -23.58
CA ILE A 283 19.21 6.59 -24.43
C ILE A 283 19.80 7.99 -24.51
N LEU A 284 20.21 8.55 -23.36
CA LEU A 284 20.83 9.87 -23.38
C LEU A 284 22.16 9.88 -24.12
N ARG A 285 22.93 8.80 -24.05
CA ARG A 285 24.15 8.73 -24.85
C ARG A 285 23.84 8.69 -26.34
N LYS A 286 22.86 7.87 -26.75
CA LYS A 286 22.47 7.81 -28.15
C LYS A 286 21.80 9.10 -28.62
N MET A 287 21.19 9.86 -27.71
CA MET A 287 20.65 11.17 -28.07
C MET A 287 21.73 12.22 -28.27
N ASP A 288 22.99 11.92 -27.96
CA ASP A 288 24.08 12.89 -28.11
C ASP A 288 24.27 13.27 -29.58
N ASN B 7 30.54 -12.19 11.22
CA ASN B 7 30.85 -10.94 10.56
C ASN B 7 29.87 -9.84 10.97
N GLU B 8 30.36 -8.60 11.04
CA GLU B 8 29.56 -7.52 11.61
C GLU B 8 28.29 -7.27 10.81
N ASP B 9 28.30 -7.55 9.51
CA ASP B 9 27.10 -7.36 8.70
C ASP B 9 26.01 -8.37 9.07
N ASN B 10 26.38 -9.60 9.41
CA ASN B 10 25.39 -10.55 9.89
C ASN B 10 24.88 -10.17 11.27
N ALA B 11 25.76 -9.67 12.13
CA ALA B 11 25.31 -9.24 13.46
C ALA B 11 24.33 -8.09 13.35
N ARG B 12 24.60 -7.13 12.46
CA ARG B 12 23.66 -6.04 12.22
C ARG B 12 22.34 -6.53 11.66
N PHE B 13 22.37 -7.48 10.72
CA PHE B 13 21.14 -7.98 10.14
C PHE B 13 20.28 -8.72 11.15
N LEU B 14 20.88 -9.62 11.95
CA LEU B 14 20.13 -10.32 12.98
C LEU B 14 19.64 -9.39 14.09
N LEU B 15 20.46 -8.41 14.48
CA LEU B 15 20.01 -7.45 15.49
C LEU B 15 18.83 -6.64 14.99
N LEU B 16 18.86 -6.19 13.74
CA LEU B 16 17.73 -5.44 13.22
C LEU B 16 16.47 -6.29 13.10
N ALA B 17 16.61 -7.55 12.67
CA ALA B 17 15.45 -8.44 12.65
C ALA B 17 14.84 -8.62 14.04
N ALA B 18 15.67 -8.81 15.06
CA ALA B 18 15.16 -8.92 16.43
C ALA B 18 14.47 -7.65 16.90
N LEU B 19 15.06 -6.50 16.61
CA LEU B 19 14.44 -5.23 17.01
C LEU B 19 13.12 -4.99 16.29
N ILE B 20 13.02 -5.35 15.01
CA ILE B 20 11.75 -5.20 14.31
C ILE B 20 10.69 -6.13 14.87
N VAL B 21 11.05 -7.39 15.16
CA VAL B 21 10.06 -8.31 15.76
C VAL B 21 9.57 -7.80 17.11
N LEU B 22 10.46 -7.26 17.94
CA LEU B 22 9.99 -6.63 19.18
C LEU B 22 9.17 -5.37 18.93
N TYR B 23 9.43 -4.66 17.83
CA TYR B 23 8.62 -3.50 17.49
C TYR B 23 7.20 -3.90 17.07
N LEU B 24 7.07 -5.00 16.34
CA LEU B 24 5.75 -5.50 15.98
C LEU B 24 4.99 -6.01 17.20
N LEU B 25 5.63 -6.79 18.06
CA LEU B 25 4.95 -7.24 19.28
C LEU B 25 4.53 -6.07 20.18
N GLY B 26 5.36 -5.03 20.28
CA GLY B 26 4.96 -3.88 21.07
C GLY B 26 3.83 -3.09 20.43
N GLY B 27 3.85 -2.93 19.10
CA GLY B 27 2.76 -2.24 18.45
C GLY B 27 1.46 -2.99 18.56
N ALA B 28 1.49 -4.31 18.37
CA ALA B 28 0.28 -5.11 18.54
C ALA B 28 -0.26 -5.00 19.95
N ALA B 29 0.62 -4.98 20.95
CA ALA B 29 0.15 -4.82 22.32
C ALA B 29 -0.45 -3.44 22.57
N VAL B 30 0.03 -2.40 21.89
CA VAL B 30 -0.54 -1.06 22.06
C VAL B 30 -1.86 -0.88 21.31
N PHE B 31 -1.90 -1.21 20.01
CA PHE B 31 -3.11 -0.98 19.23
C PHE B 31 -4.32 -1.77 19.74
N SER B 32 -4.12 -3.03 20.14
CA SER B 32 -5.23 -3.77 20.73
C SER B 32 -5.73 -3.19 22.04
N ALA B 33 -4.92 -2.37 22.71
CA ALA B 33 -5.38 -1.67 23.92
C ALA B 33 -6.11 -0.37 23.62
N LEU B 34 -5.68 0.38 22.61
CA LEU B 34 -6.32 1.65 22.29
C LEU B 34 -7.76 1.49 21.82
N GLU B 35 -8.04 0.50 20.97
CA GLU B 35 -9.32 0.52 20.27
C GLU B 35 -9.95 -0.83 20.02
N LEU B 36 -9.65 -1.86 20.81
CA LEU B 36 -10.56 -3.00 20.89
C LEU B 36 -11.93 -2.64 21.48
N ALA B 37 -11.99 -1.70 22.43
CA ALA B 37 -13.28 -1.27 22.97
C ALA B 37 -14.17 -0.59 21.92
N HIS B 38 -13.57 0.10 20.96
CA HIS B 38 -14.35 0.76 19.91
C HIS B 38 -14.90 -0.24 18.91
N GLU B 39 -14.10 -1.22 18.51
CA GLU B 39 -14.62 -2.29 17.66
C GLU B 39 -15.84 -2.94 18.27
N ARG B 40 -15.74 -3.37 19.53
CA ARG B 40 -16.84 -4.09 20.15
C ARG B 40 -18.06 -3.21 20.37
N GLN B 41 -17.87 -1.91 20.59
CA GLN B 41 -19.03 -1.02 20.64
C GLN B 41 -19.70 -0.89 19.29
N ALA B 42 -18.92 -0.66 18.22
CA ALA B 42 -19.52 -0.50 16.91
C ALA B 42 -20.20 -1.76 16.42
N LYS B 43 -19.62 -2.93 16.71
CA LYS B 43 -20.29 -4.19 16.37
C LYS B 43 -21.56 -4.42 17.17
N GLN B 44 -21.58 -4.08 18.46
CA GLN B 44 -22.84 -4.16 19.20
C GLN B 44 -23.89 -3.23 18.61
N ARG B 45 -23.51 -1.99 18.30
CA ARG B 45 -24.46 -1.04 17.72
C ARG B 45 -24.98 -1.49 16.36
N TRP B 46 -24.14 -2.15 15.57
CA TRP B 46 -24.61 -2.77 14.34
C TRP B 46 -25.62 -3.90 14.60
N GLU B 47 -25.31 -4.79 15.54
CA GLU B 47 -26.27 -5.86 15.82
C GLU B 47 -27.60 -5.30 16.29
N GLU B 48 -27.57 -4.21 17.05
CA GLU B 48 -28.82 -3.55 17.46
C GLU B 48 -29.56 -2.93 16.28
N ARG B 49 -28.84 -2.30 15.36
CA ARG B 49 -29.50 -1.73 14.17
C ARG B 49 -30.11 -2.83 13.30
N LEU B 50 -29.38 -3.92 13.08
CA LEU B 50 -29.91 -5.02 12.28
C LEU B 50 -31.12 -5.66 12.93
N ALA B 51 -31.11 -5.81 14.26
CA ALA B 51 -32.28 -6.30 14.97
C ALA B 51 -33.48 -5.36 14.81
N ASN B 52 -33.26 -4.06 14.99
CA ASN B 52 -34.35 -3.09 14.79
C ASN B 52 -34.92 -3.14 13.38
N PHE B 53 -34.05 -3.26 12.37
CA PHE B 53 -34.56 -3.35 11.00
C PHE B 53 -35.32 -4.65 10.76
N SER B 54 -34.79 -5.78 11.25
CA SER B 54 -35.48 -7.06 11.13
C SER B 54 -36.87 -7.01 11.75
N ARG B 55 -36.97 -6.50 12.98
CA ARG B 55 -38.26 -6.42 13.65
C ARG B 55 -39.21 -5.43 12.98
N GLY B 56 -38.69 -4.28 12.56
CA GLY B 56 -39.56 -3.23 12.05
C GLY B 56 -40.24 -3.57 10.74
N HIS B 57 -39.56 -4.29 9.85
CA HIS B 57 -40.10 -4.57 8.52
C HIS B 57 -40.50 -6.02 8.32
N ASN B 58 -40.58 -6.81 9.38
CA ASN B 58 -40.92 -8.24 9.29
C ASN B 58 -39.99 -8.97 8.31
N LEU B 59 -38.70 -8.71 8.43
CA LEU B 59 -37.69 -9.33 7.58
C LEU B 59 -36.84 -10.29 8.41
N SER B 60 -36.65 -11.50 7.90
CA SER B 60 -35.77 -12.45 8.54
C SER B 60 -34.31 -12.12 8.26
N ARG B 61 -33.44 -12.50 9.20
CA ARG B 61 -32.00 -12.37 9.02
C ARG B 61 -31.48 -13.15 7.82
N ASP B 62 -32.20 -14.16 7.35
CA ASP B 62 -31.82 -14.85 6.12
C ASP B 62 -31.92 -13.93 4.90
N GLU B 63 -33.08 -13.31 4.70
CA GLU B 63 -33.25 -12.39 3.58
C GLU B 63 -32.29 -11.21 3.68
N LEU B 64 -32.12 -10.66 4.88
CA LEU B 64 -31.19 -9.56 5.05
C LEU B 64 -29.75 -9.96 4.79
N ARG B 65 -29.34 -11.14 5.25
CA ARG B 65 -28.00 -11.63 4.92
C ARG B 65 -27.80 -11.82 3.43
N GLY B 66 -28.84 -12.30 2.73
CA GLY B 66 -28.75 -12.37 1.27
C GLY B 66 -28.59 -11.01 0.61
N PHE B 67 -29.42 -10.05 1.02
CA PHE B 67 -29.34 -8.70 0.47
C PHE B 67 -27.97 -8.07 0.75
N LEU B 68 -27.48 -8.20 1.98
CA LEU B 68 -26.17 -7.67 2.29
C LEU B 68 -25.04 -8.38 1.56
N ARG B 69 -25.20 -9.68 1.27
CA ARG B 69 -24.22 -10.35 0.42
C ARG B 69 -24.19 -9.77 -0.98
N HIS B 70 -25.37 -9.41 -1.51
CA HIS B 70 -25.39 -8.72 -2.79
C HIS B 70 -24.78 -7.33 -2.70
N TYR B 71 -24.96 -6.63 -1.57
CA TYR B 71 -24.32 -5.33 -1.41
C TYR B 71 -22.81 -5.44 -1.24
N GLU B 72 -22.32 -6.50 -0.62
CA GLU B 72 -20.88 -6.74 -0.58
C GLU B 72 -20.32 -7.01 -1.97
N GLU B 73 -21.09 -7.68 -2.82
CA GLU B 73 -20.68 -7.84 -4.20
C GLU B 73 -20.70 -6.51 -4.97
N ALA B 74 -21.76 -5.72 -4.78
CA ALA B 74 -21.88 -4.43 -5.47
C ALA B 74 -20.82 -3.42 -5.04
N THR B 75 -20.47 -3.38 -3.75
CA THR B 75 -19.44 -2.44 -3.30
C THR B 75 -18.06 -2.77 -3.83
N ARG B 76 -17.75 -4.05 -4.05
CA ARG B 76 -16.49 -4.36 -4.70
C ARG B 76 -16.48 -3.89 -6.16
N ALA B 77 -17.63 -3.90 -6.83
CA ALA B 77 -17.73 -3.24 -8.13
C ALA B 77 -17.76 -1.72 -8.05
N GLY B 78 -17.71 -1.13 -6.86
CA GLY B 78 -17.57 0.31 -6.74
C GLY B 78 -18.84 1.10 -6.52
N ILE B 79 -19.95 0.44 -6.17
CA ILE B 79 -21.13 1.16 -5.70
C ILE B 79 -20.86 1.73 -4.32
N ARG B 80 -21.51 2.86 -4.02
CA ARG B 80 -21.58 3.39 -2.67
C ARG B 80 -22.94 4.05 -2.51
N VAL B 81 -23.37 4.22 -1.26
CA VAL B 81 -24.60 4.96 -1.01
C VAL B 81 -24.43 6.43 -1.38
N ASP B 82 -23.25 6.99 -1.15
CA ASP B 82 -22.93 8.31 -1.66
C ASP B 82 -22.73 8.27 -3.17
N ASN B 83 -22.93 9.41 -3.81
CA ASN B 83 -22.70 9.55 -5.25
C ASN B 83 -21.20 9.51 -5.52
N VAL B 84 -20.72 8.44 -6.14
CA VAL B 84 -19.30 8.21 -6.34
C VAL B 84 -18.99 8.18 -7.84
N ARG B 85 -17.83 8.70 -8.20
CA ARG B 85 -17.39 8.78 -9.59
C ARG B 85 -17.27 7.38 -10.20
N PRO B 86 -17.56 7.22 -11.48
CA PRO B 86 -17.30 5.93 -12.15
C PRO B 86 -15.85 5.50 -11.96
N ARG B 87 -15.65 4.19 -11.78
CA ARG B 87 -14.34 3.68 -11.45
C ARG B 87 -13.42 3.57 -12.66
N TRP B 88 -13.95 3.22 -13.82
CA TRP B 88 -13.12 2.90 -14.98
C TRP B 88 -13.35 3.81 -16.18
N ASP B 89 -13.87 5.02 -15.98
CA ASP B 89 -13.63 6.04 -16.98
C ASP B 89 -12.13 6.37 -17.01
N PHE B 90 -11.71 7.14 -18.02
CA PHE B 90 -10.28 7.40 -18.19
C PHE B 90 -9.69 8.10 -16.97
N THR B 91 -10.46 8.99 -16.33
CA THR B 91 -9.98 9.66 -15.13
C THR B 91 -9.85 8.69 -13.96
N GLY B 92 -10.85 7.82 -13.77
CA GLY B 92 -10.76 6.82 -12.72
C GLY B 92 -9.65 5.82 -12.96
N ALA B 93 -9.43 5.42 -14.21
CA ALA B 93 -8.33 4.53 -14.53
C ALA B 93 -6.98 5.21 -14.34
N PHE B 94 -6.89 6.51 -14.63
CA PHE B 94 -5.66 7.24 -14.36
C PHE B 94 -5.37 7.34 -12.87
N TYR B 95 -6.41 7.53 -12.05
CA TYR B 95 -6.24 7.48 -10.61
C TYR B 95 -5.79 6.10 -10.16
N PHE B 96 -6.44 5.06 -10.68
CA PHE B 96 -6.04 3.69 -10.33
C PHE B 96 -4.57 3.43 -10.63
N VAL B 97 -4.14 3.69 -11.87
CA VAL B 97 -2.73 3.45 -12.21
C VAL B 97 -1.80 4.34 -11.40
N GLY B 98 -2.22 5.55 -11.05
CA GLY B 98 -1.44 6.34 -10.12
C GLY B 98 -1.24 5.68 -8.76
N THR B 99 -2.29 5.03 -8.24
CA THR B 99 -2.15 4.32 -6.98
C THR B 99 -1.41 2.99 -7.10
N VAL B 100 -1.45 2.35 -8.27
CA VAL B 100 -0.64 1.15 -8.48
C VAL B 100 0.84 1.51 -8.57
N VAL B 101 1.18 2.45 -9.44
CA VAL B 101 2.58 2.74 -9.77
C VAL B 101 3.32 3.37 -8.59
N SER B 102 2.65 4.15 -7.75
CA SER B 102 3.25 4.62 -6.52
C SER B 102 3.19 3.60 -5.38
N THR B 103 2.61 2.43 -5.62
CA THR B 103 2.30 1.40 -4.63
C THR B 103 1.40 1.87 -3.49
N ILE B 104 0.74 3.01 -3.61
CA ILE B 104 -0.21 3.40 -2.57
C ILE B 104 -1.33 2.38 -2.47
N GLY B 105 -1.96 2.07 -3.59
CA GLY B 105 -2.95 1.02 -3.61
C GLY B 105 -4.14 1.19 -2.69
N PHE B 106 -4.84 2.34 -2.78
CA PHE B 106 -6.01 2.54 -1.94
C PHE B 106 -7.01 1.41 -2.08
N GLY B 107 -7.16 0.88 -3.29
CA GLY B 107 -8.00 -0.26 -3.50
C GLY B 107 -9.48 0.05 -3.50
N MET B 108 -9.84 1.32 -3.72
CA MET B 108 -11.22 1.68 -4.00
C MET B 108 -11.62 1.22 -5.40
N THR B 109 -10.70 1.33 -6.35
CA THR B 109 -10.79 0.73 -7.68
C THR B 109 -9.83 -0.44 -7.75
N THR B 110 -10.31 -1.60 -8.18
CA THR B 110 -9.49 -2.79 -8.32
C THR B 110 -9.89 -3.56 -9.57
N PRO B 111 -8.95 -4.16 -10.27
CA PRO B 111 -9.29 -4.91 -11.49
C PRO B 111 -10.10 -6.15 -11.16
N ALA B 112 -11.00 -6.51 -12.08
CA ALA B 112 -11.95 -7.58 -11.79
C ALA B 112 -11.97 -8.65 -12.86
N THR B 113 -11.68 -8.29 -14.11
CA THR B 113 -11.51 -9.28 -15.15
C THR B 113 -10.16 -9.99 -15.02
N VAL B 114 -10.10 -11.22 -15.53
CA VAL B 114 -8.83 -11.95 -15.57
C VAL B 114 -7.81 -11.24 -16.46
N GLY B 115 -8.25 -10.59 -17.53
CA GLY B 115 -7.33 -9.80 -18.33
C GLY B 115 -6.74 -8.64 -17.57
N GLY B 116 -7.55 -7.97 -16.76
CA GLY B 116 -7.02 -6.91 -15.91
C GLY B 116 -6.06 -7.43 -14.85
N LYS B 117 -6.39 -8.55 -14.22
CA LYS B 117 -5.50 -9.14 -13.24
C LYS B 117 -4.17 -9.56 -13.84
N ILE B 118 -4.18 -10.17 -15.03
CA ILE B 118 -2.92 -10.50 -15.70
C ILE B 118 -2.13 -9.24 -16.03
N PHE B 119 -2.78 -8.25 -16.65
CA PHE B 119 -2.08 -7.05 -17.07
C PHE B 119 -1.49 -6.29 -15.90
N LEU B 120 -2.16 -6.30 -14.75
CA LEU B 120 -1.61 -5.66 -13.55
C LEU B 120 -0.26 -6.25 -13.15
N ILE B 121 -0.09 -7.57 -13.27
CA ILE B 121 1.15 -8.18 -12.78
C ILE B 121 2.37 -7.72 -13.57
N PHE B 122 2.21 -7.39 -14.85
CA PHE B 122 3.32 -6.82 -15.63
C PHE B 122 3.39 -5.31 -15.54
N TYR B 123 2.25 -4.63 -15.55
CA TYR B 123 2.25 -3.18 -15.48
C TYR B 123 2.79 -2.69 -14.15
N GLY B 124 2.35 -3.28 -13.04
CA GLY B 124 2.88 -2.89 -11.75
C GLY B 124 4.33 -3.27 -11.60
N LEU B 125 4.74 -4.37 -12.21
CA LEU B 125 6.13 -4.82 -12.12
C LEU B 125 7.09 -3.82 -12.75
N VAL B 126 6.77 -3.34 -13.95
CA VAL B 126 7.66 -2.34 -14.55
C VAL B 126 7.43 -0.95 -13.98
N GLY B 127 6.19 -0.58 -13.68
CA GLY B 127 5.89 0.74 -13.13
C GLY B 127 6.50 1.00 -11.77
N CYS B 128 6.39 0.03 -10.85
CA CYS B 128 6.94 0.22 -9.51
C CYS B 128 8.47 0.31 -9.53
N SER B 129 9.13 -0.50 -10.34
CA SER B 129 10.57 -0.35 -10.50
C SER B 129 10.96 1.00 -11.08
N SER B 130 10.25 1.45 -12.12
CA SER B 130 10.50 2.77 -12.69
C SER B 130 10.29 3.88 -11.66
N THR B 131 9.30 3.74 -10.80
CA THR B 131 9.05 4.76 -9.77
C THR B 131 10.06 4.70 -8.63
N ILE B 132 10.50 3.53 -8.19
CA ILE B 132 11.54 3.52 -7.16
C ILE B 132 12.83 4.12 -7.70
N LEU B 133 13.08 3.94 -9.00
CA LEU B 133 14.13 4.71 -9.66
C LEU B 133 13.85 6.21 -9.57
N PHE B 134 12.64 6.62 -9.91
CA PHE B 134 12.31 8.04 -9.88
C PHE B 134 12.52 8.66 -8.51
N PHE B 135 12.09 7.99 -7.44
CA PHE B 135 12.33 8.52 -6.11
C PHE B 135 13.79 8.52 -5.71
N ASN B 136 14.62 7.62 -6.27
CA ASN B 136 16.04 7.72 -5.95
C ASN B 136 16.73 8.84 -6.73
N LEU B 137 16.31 9.10 -7.96
CA LEU B 137 16.82 10.27 -8.67
C LEU B 137 16.33 11.56 -8.03
N PHE B 138 15.06 11.60 -7.61
CA PHE B 138 14.56 12.75 -6.87
C PHE B 138 15.40 13.03 -5.63
N LEU B 139 15.64 12.01 -4.81
CA LEU B 139 16.43 12.21 -3.60
C LEU B 139 17.84 12.71 -3.92
N GLU B 140 18.51 12.12 -4.93
CA GLU B 140 19.83 12.62 -5.29
C GLU B 140 19.80 14.08 -5.76
N ARG B 141 18.76 14.48 -6.47
CA ARG B 141 18.61 15.89 -6.86
C ARG B 141 18.36 16.78 -5.65
N LEU B 142 17.51 16.34 -4.72
CA LEU B 142 17.22 17.15 -3.55
C LEU B 142 18.45 17.34 -2.68
N ILE B 143 19.24 16.28 -2.49
CA ILE B 143 20.51 16.41 -1.78
C ILE B 143 21.44 17.39 -2.48
N THR B 144 21.49 17.33 -3.82
CA THR B 144 22.35 18.26 -4.55
C THR B 144 21.88 19.71 -4.40
N ILE B 145 20.57 19.93 -4.43
CA ILE B 145 20.03 21.28 -4.22
C ILE B 145 20.31 21.80 -2.81
N ILE B 146 20.12 20.96 -1.80
CA ILE B 146 20.43 21.37 -0.43
C ILE B 146 21.91 21.69 -0.27
N ALA B 147 22.77 20.87 -0.87
CA ALA B 147 24.21 21.16 -0.83
C ALA B 147 24.55 22.48 -1.51
N TYR B 148 23.96 22.75 -2.67
CA TYR B 148 24.18 24.03 -3.35
C TYR B 148 23.71 25.20 -2.52
N ILE B 149 22.50 25.11 -1.95
CA ILE B 149 21.98 26.20 -1.13
C ILE B 149 22.86 26.42 0.11
N MET B 150 23.27 25.34 0.78
CA MET B 150 24.13 25.48 1.94
C MET B 150 25.48 26.10 1.58
N LYS B 151 26.05 25.74 0.43
CA LYS B 151 27.28 26.38 -0.03
C LYS B 151 27.06 27.86 -0.36
N SER B 152 25.92 28.20 -0.96
CA SER B 152 25.62 29.60 -1.22
C SER B 152 25.45 30.40 0.07
N CYS B 153 24.86 29.78 1.10
CA CYS B 153 24.80 30.41 2.41
C CYS B 153 26.18 30.56 3.03
N HIS B 154 27.03 29.55 2.89
CA HIS B 154 28.40 29.66 3.38
C HIS B 154 29.14 30.81 2.69
N GLN B 155 28.90 30.99 1.38
CA GLN B 155 29.44 32.14 0.68
C GLN B 155 28.73 33.42 1.09
N ARG B 156 27.41 33.36 1.29
CA ARG B 156 26.67 34.52 1.76
C ARG B 156 27.08 34.95 3.16
N GLN B 157 27.69 34.06 3.94
CA GLN B 157 28.23 34.43 5.24
C GLN B 157 29.48 35.30 5.14
N LEU B 158 30.08 35.42 3.96
CA LEU B 158 31.29 36.21 3.78
C LEU B 158 31.03 37.69 4.06
N TRP B 183 31.23 20.82 0.82
CA TRP B 183 30.91 19.44 1.15
C TRP B 183 29.40 19.22 1.19
N LYS B 184 28.99 17.96 1.12
CA LYS B 184 27.58 17.62 1.19
C LYS B 184 27.03 17.88 2.59
N PRO B 185 25.71 18.04 2.72
CA PRO B 185 25.13 18.26 4.05
C PRO B 185 25.17 16.99 4.89
N SER B 186 25.23 17.19 6.20
CA SER B 186 25.13 16.06 7.12
C SER B 186 23.69 15.57 7.20
N VAL B 187 23.54 14.27 7.46
CA VAL B 187 22.25 13.59 7.35
C VAL B 187 21.23 14.15 8.32
N TYR B 188 21.66 14.57 9.51
CA TYR B 188 20.73 15.12 10.48
C TYR B 188 20.04 16.39 9.98
N TYR B 189 20.80 17.31 9.36
CA TYR B 189 20.16 18.51 8.82
C TYR B 189 19.30 18.21 7.60
N VAL B 190 19.64 17.20 6.81
CA VAL B 190 18.74 16.79 5.74
C VAL B 190 17.44 16.24 6.32
N MET B 191 17.53 15.47 7.40
CA MET B 191 16.32 14.98 8.04
C MET B 191 15.46 16.12 8.57
N LEU B 192 16.08 17.12 9.19
CA LEU B 192 15.32 18.26 9.68
C LEU B 192 14.70 19.10 8.55
N ILE B 193 15.36 19.17 7.40
CA ILE B 193 14.75 19.82 6.24
C ILE B 193 13.55 19.01 5.72
N LEU B 194 13.73 17.71 5.53
CA LEU B 194 12.64 16.88 5.02
C LEU B 194 11.45 16.77 5.98
N CYS B 195 11.68 16.82 7.29
CA CYS B 195 10.55 16.93 8.21
C CYS B 195 9.77 18.22 7.97
N THR B 196 10.46 19.34 7.81
CA THR B 196 9.78 20.61 7.57
C THR B 196 8.99 20.59 6.26
N ALA B 197 9.59 20.10 5.19
CA ALA B 197 8.88 19.97 3.92
C ALA B 197 7.64 19.08 4.04
N SER B 198 7.77 17.94 4.73
CA SER B 198 6.63 17.03 4.88
C SER B 198 5.50 17.67 5.68
N ILE B 199 5.82 18.43 6.73
CA ILE B 199 4.79 19.11 7.49
C ILE B 199 4.14 20.23 6.67
N LEU B 200 4.92 21.02 5.94
CA LEU B 200 4.35 22.11 5.16
C LEU B 200 3.45 21.61 4.04
N ILE B 201 3.85 20.54 3.34
CA ILE B 201 2.97 19.95 2.32
C ILE B 201 1.71 19.37 2.96
N SER B 202 1.88 18.63 4.05
CA SER B 202 0.74 18.01 4.72
C SER B 202 -0.27 19.04 5.24
N CYS B 203 0.19 20.17 5.76
CA CYS B 203 -0.74 21.21 6.20
C CYS B 203 -1.43 21.90 5.02
N CYS B 204 -0.72 22.14 3.92
CA CYS B 204 -1.38 22.70 2.73
C CYS B 204 -2.41 21.74 2.15
N ALA B 205 -2.04 20.46 2.03
CA ALA B 205 -3.01 19.48 1.55
C ALA B 205 -4.21 19.37 2.47
N SER B 206 -3.99 19.35 3.78
CA SER B 206 -5.11 19.34 4.72
C SER B 206 -5.99 20.58 4.56
N ALA B 207 -5.37 21.74 4.35
CA ALA B 207 -6.15 22.96 4.13
C ALA B 207 -6.90 22.95 2.81
N MET B 208 -6.53 22.07 1.88
CA MET B 208 -7.34 21.92 0.68
C MET B 208 -8.45 20.89 0.85
N TYR B 209 -8.14 19.70 1.37
CA TYR B 209 -9.13 18.65 1.53
C TYR B 209 -10.21 18.99 2.56
N THR B 210 -9.88 19.72 3.63
CA THR B 210 -10.88 20.05 4.65
C THR B 210 -12.12 20.75 4.12
N PRO B 211 -12.03 21.86 3.38
CA PRO B 211 -13.28 22.47 2.87
C PRO B 211 -13.93 21.70 1.73
N ILE B 212 -13.17 21.01 0.90
CA ILE B 212 -13.72 20.40 -0.32
C ILE B 212 -14.33 19.04 -0.04
N GLU B 213 -13.64 18.18 0.70
CA GLU B 213 -14.14 16.85 0.99
C GLU B 213 -15.04 16.79 2.21
N GLY B 214 -15.04 17.82 3.05
CA GLY B 214 -15.83 17.80 4.27
C GLY B 214 -15.25 16.98 5.39
N TRP B 215 -14.05 16.45 5.23
CA TRP B 215 -13.36 15.79 6.33
C TRP B 215 -13.06 16.78 7.45
N SER B 216 -12.87 16.24 8.64
CA SER B 216 -12.26 17.02 9.70
C SER B 216 -10.78 17.25 9.36
N TYR B 217 -10.21 18.29 9.95
CA TYR B 217 -8.82 18.61 9.66
C TYR B 217 -7.87 17.48 10.06
N PHE B 218 -8.10 16.88 11.22
CA PHE B 218 -7.25 15.77 11.65
C PHE B 218 -7.42 14.52 10.78
N ASP B 219 -8.63 14.24 10.33
CA ASP B 219 -8.81 13.15 9.37
C ASP B 219 -8.06 13.42 8.07
N SER B 220 -8.01 14.67 7.63
CA SER B 220 -7.24 14.98 6.42
C SER B 220 -5.74 14.90 6.63
N LEU B 221 -5.23 15.27 7.81
CA LEU B 221 -3.82 15.02 8.12
C LEU B 221 -3.50 13.52 8.16
N TYR B 222 -4.36 12.73 8.78
CA TYR B 222 -4.16 11.28 8.78
C TYR B 222 -4.21 10.68 7.38
N PHE B 223 -5.15 11.13 6.54
CA PHE B 223 -5.12 10.75 5.14
C PHE B 223 -3.84 11.15 4.44
N CYS B 224 -3.35 12.36 4.70
CA CYS B 224 -2.09 12.79 4.08
C CYS B 224 -0.95 11.87 4.45
N PHE B 225 -0.81 11.53 5.73
CA PHE B 225 0.25 10.59 6.09
C PHE B 225 0.05 9.22 5.46
N VAL B 226 -1.17 8.68 5.52
CA VAL B 226 -1.44 7.34 4.98
C VAL B 226 -1.21 7.27 3.48
N ALA B 227 -1.48 8.34 2.74
CA ALA B 227 -1.15 8.38 1.32
C ALA B 227 0.33 8.58 1.07
N PHE B 228 0.94 9.57 1.73
CA PHE B 228 2.33 9.90 1.43
C PHE B 228 3.31 8.82 1.87
N SER B 229 3.01 8.08 2.93
CA SER B 229 3.84 6.94 3.29
C SER B 229 3.66 5.76 2.36
N THR B 230 2.75 5.84 1.39
CA THR B 230 2.33 4.74 0.52
C THR B 230 1.69 3.58 1.27
N ILE B 231 1.32 3.74 2.54
CA ILE B 231 0.55 2.70 3.21
C ILE B 231 -0.80 2.53 2.54
N GLY B 232 -1.58 3.61 2.48
CA GLY B 232 -2.80 3.63 1.70
C GLY B 232 -3.86 2.61 2.07
N PHE B 233 -4.45 2.71 3.26
CA PHE B 233 -5.50 1.77 3.62
C PHE B 233 -6.69 1.89 2.69
N GLY B 234 -7.09 3.12 2.36
CA GLY B 234 -8.25 3.33 1.54
C GLY B 234 -9.55 3.47 2.30
N ASP B 235 -9.49 3.72 3.62
CA ASP B 235 -10.67 4.13 4.36
C ASP B 235 -11.10 5.54 3.97
N LEU B 236 -10.13 6.45 3.86
CA LEU B 236 -10.34 7.76 3.25
C LEU B 236 -9.64 7.80 1.90
N VAL B 237 -10.34 8.28 0.88
CA VAL B 237 -9.74 8.55 -0.42
C VAL B 237 -10.26 9.88 -0.93
N SER B 238 -9.34 10.76 -1.34
CA SER B 238 -9.69 12.04 -1.92
C SER B 238 -10.10 11.90 -3.37
N SER B 239 -10.83 12.90 -3.86
CA SER B 239 -11.23 13.00 -5.27
C SER B 239 -12.07 11.79 -5.70
N GLN B 240 -13.26 11.73 -5.11
CA GLN B 240 -14.14 10.59 -5.29
C GLN B 240 -15.60 10.96 -5.52
N ASN B 241 -16.09 12.07 -4.97
CA ASN B 241 -17.48 12.44 -5.17
C ASN B 241 -17.75 12.65 -6.65
N ALA B 242 -19.02 12.47 -7.03
CA ALA B 242 -19.41 12.61 -8.42
C ALA B 242 -19.21 14.02 -8.96
N HIS B 243 -19.19 15.04 -8.12
CA HIS B 243 -19.01 16.39 -8.63
C HIS B 243 -18.26 17.25 -7.64
N TYR B 244 -17.44 18.16 -8.17
CA TYR B 244 -16.79 19.21 -7.40
C TYR B 244 -16.82 20.49 -8.22
N GLU B 245 -16.67 21.62 -7.52
CA GLU B 245 -16.36 22.87 -8.19
C GLU B 245 -14.96 22.82 -8.77
N SER B 246 -14.81 23.23 -10.04
CA SER B 246 -13.52 23.28 -10.72
C SER B 246 -12.81 21.93 -10.71
N GLN B 247 -13.52 20.89 -11.17
CA GLN B 247 -13.02 19.52 -11.06
C GLN B 247 -11.60 19.38 -11.58
N GLY B 248 -11.31 19.96 -12.74
CA GLY B 248 -9.98 19.82 -13.33
C GLY B 248 -8.87 20.38 -12.46
N LEU B 249 -9.07 21.59 -11.93
CA LEU B 249 -8.09 22.17 -11.03
C LEU B 249 -7.93 21.35 -9.76
N TYR B 250 -9.02 20.85 -9.20
CA TYR B 250 -8.92 20.04 -7.99
C TYR B 250 -8.19 18.72 -8.25
N ARG B 251 -8.51 18.03 -9.34
CA ARG B 251 -7.77 16.82 -9.69
C ARG B 251 -6.28 17.09 -9.92
N PHE B 252 -5.95 18.18 -10.61
CA PHE B 252 -4.54 18.52 -10.81
C PHE B 252 -3.84 18.80 -9.48
N ALA B 253 -4.47 19.59 -8.62
CA ALA B 253 -3.88 19.87 -7.31
C ALA B 253 -3.74 18.61 -6.47
N ASN B 254 -4.70 17.70 -6.52
CA ASN B 254 -4.57 16.43 -5.82
C ASN B 254 -3.42 15.59 -6.35
N PHE B 255 -3.24 15.53 -7.67
CA PHE B 255 -2.10 14.83 -8.24
C PHE B 255 -0.78 15.42 -7.78
N VAL B 256 -0.65 16.75 -7.88
CA VAL B 256 0.58 17.42 -7.48
C VAL B 256 0.88 17.21 -5.99
N PHE B 257 -0.13 17.38 -5.14
CA PHE B 257 0.11 17.21 -3.70
C PHE B 257 0.46 15.78 -3.33
N ILE B 258 -0.21 14.79 -3.92
CA ILE B 258 0.16 13.41 -3.59
C ILE B 258 1.56 13.08 -4.10
N LEU B 259 1.92 13.56 -5.28
CA LEU B 259 3.28 13.31 -5.78
C LEU B 259 4.34 13.95 -4.89
N MET B 260 4.18 15.24 -4.55
CA MET B 260 5.16 15.89 -3.70
C MET B 260 5.24 15.25 -2.34
N GLY B 261 4.09 14.87 -1.77
CA GLY B 261 4.09 14.21 -0.48
C GLY B 261 4.80 12.88 -0.48
N VAL B 262 4.49 12.04 -1.47
CA VAL B 262 5.15 10.74 -1.54
C VAL B 262 6.64 10.89 -1.69
N CYS B 263 7.10 11.79 -2.57
CA CYS B 263 8.54 11.95 -2.73
C CYS B 263 9.23 12.49 -1.47
N CYS B 264 8.58 13.41 -0.76
CA CYS B 264 9.19 13.93 0.47
C CYS B 264 9.19 12.91 1.61
N ILE B 265 8.09 12.22 1.86
CA ILE B 265 8.08 11.27 2.96
C ILE B 265 8.89 10.02 2.64
N TYR B 266 8.91 9.55 1.40
CA TYR B 266 9.83 8.46 1.06
C TYR B 266 11.29 8.87 1.21
N SER B 267 11.63 10.13 0.90
CA SER B 267 12.97 10.62 1.21
C SER B 267 13.24 10.63 2.71
N LEU B 268 12.24 11.03 3.51
CA LEU B 268 12.39 11.01 4.95
C LEU B 268 12.59 9.59 5.48
N PHE B 269 11.89 8.62 4.90
CA PHE B 269 12.10 7.22 5.29
C PHE B 269 13.51 6.75 4.99
N ASN B 270 14.03 7.07 3.81
CA ASN B 270 15.42 6.73 3.52
C ASN B 270 16.40 7.36 4.51
N VAL B 271 16.24 8.66 4.78
CA VAL B 271 17.17 9.35 5.67
C VAL B 271 17.11 8.79 7.10
N ILE B 272 15.90 8.54 7.61
CA ILE B 272 15.80 7.91 8.92
C ILE B 272 16.40 6.51 8.89
N SER B 273 16.23 5.77 7.79
CA SER B 273 16.83 4.44 7.73
C SER B 273 18.34 4.50 7.83
N ILE B 274 18.95 5.56 7.30
CA ILE B 274 20.40 5.72 7.44
C ILE B 274 20.77 6.04 8.88
N LEU B 275 19.98 6.88 9.55
CA LEU B 275 20.27 7.15 10.97
C LEU B 275 20.07 5.92 11.85
N ILE B 276 19.11 5.06 11.51
CA ILE B 276 18.97 3.78 12.20
C ILE B 276 20.20 2.89 11.97
N LYS B 277 20.65 2.79 10.72
CA LYS B 277 21.84 1.98 10.45
C LYS B 277 23.04 2.44 11.25
N GLN B 278 23.25 3.76 11.34
CA GLN B 278 24.33 4.27 12.19
C GLN B 278 24.11 3.97 13.67
N SER B 279 22.86 3.98 14.13
CA SER B 279 22.59 3.63 15.52
C SER B 279 22.86 2.15 15.79
N LEU B 280 22.52 1.27 14.85
CA LEU B 280 22.87 -0.14 15.01
C LEU B 280 24.37 -0.36 15.04
N ASN B 281 25.11 0.33 14.15
CA ASN B 281 26.57 0.21 14.20
C ASN B 281 27.13 0.70 15.53
N TRP B 282 26.53 1.75 16.11
CA TRP B 282 26.96 2.18 17.44
C TRP B 282 26.64 1.15 18.51
N ILE B 283 25.44 0.56 18.49
CA ILE B 283 25.10 -0.46 19.47
C ILE B 283 26.04 -1.66 19.37
N LEU B 284 26.34 -2.11 18.15
CA LEU B 284 27.27 -3.22 18.00
C LEU B 284 28.68 -2.85 18.43
N ARG B 285 29.11 -1.60 18.23
CA ARG B 285 30.41 -1.18 18.74
C ARG B 285 30.43 -1.18 20.27
N LYS B 286 29.38 -0.64 20.90
CA LYS B 286 29.30 -0.65 22.36
C LYS B 286 29.12 -2.06 22.91
N MET B 287 28.55 -2.99 22.14
CA MET B 287 28.47 -4.37 22.57
C MET B 287 29.81 -5.10 22.48
N ASP B 288 30.84 -4.47 21.92
CA ASP B 288 32.16 -5.12 21.81
C ASP B 288 32.76 -5.39 23.19
C1 EIC C . -0.72 -13.34 10.42
C2 EIC C . 0.26 -12.74 9.42
C3 EIC C . 1.08 -11.58 9.97
C4 EIC C . 2.07 -11.02 8.96
C5 EIC C . 1.43 -10.39 7.75
C6 EIC C . 2.42 -9.74 6.80
C7 EIC C . 3.33 -8.72 7.46
C8 EIC C . 4.78 -9.19 7.64
C9 EIC C . 5.68 -8.67 6.57
C10 EIC C . 6.67 -7.82 6.76
C11 EIC C . 7.06 -7.18 8.05
C12 EIC C . 8.43 -6.58 7.97
C13 EIC C . 9.49 -6.92 8.68
C14 EIC C . 9.54 -8.02 9.68
C15 EIC C . 10.91 -8.69 9.77
C16 EIC C . 10.93 -9.90 10.68
C17 EIC C . 12.27 -10.60 10.71
C18 EIC C . 12.22 -11.94 11.43
O1 EIC C . -0.52 -13.13 11.63
O2 EIC C . -1.66 -14.02 9.95
K K D . -5.71 -0.79 0.63
K K E . 0.37 0.05 -0.05
C1 EIC F . -6.51 12.34 -9.61
C2 EIC F . -5.22 12.05 -8.86
C3 EIC F . -4.25 11.15 -9.61
C4 EIC F . -2.96 10.90 -8.87
C5 EIC F . -3.12 10.14 -7.56
C6 EIC F . -1.81 9.82 -6.87
C7 EIC F . -0.83 9.07 -7.74
C8 EIC F . 0.36 9.89 -8.22
C9 EIC F . 1.58 9.68 -7.39
C10 EIC F . 2.70 9.12 -7.80
C11 EIC F . 2.96 8.57 -9.17
C12 EIC F . 4.42 8.35 -9.41
C13 EIC F . 5.16 8.95 -10.31
C14 EIC F . 4.70 9.98 -11.28
C15 EIC F . 5.79 10.99 -11.64
C16 EIC F . 5.29 12.14 -12.49
C17 EIC F . 6.35 13.18 -12.79
C18 EIC F . 5.79 14.43 -13.44
O1 EIC F . -6.53 12.16 -10.84
O2 EIC F . -7.48 12.76 -8.93
#